data_1KMZ
#
_entry.id   1KMZ
#
_cell.length_a   44.508
_cell.length_b   60.651
_cell.length_c   43.776
_cell.angle_alpha   90.00
_cell.angle_beta   105.97
_cell.angle_gamma   90.00
#
_symmetry.space_group_name_H-M   'C 1 2 1'
#
loop_
_entity.id
_entity.type
_entity.pdbx_description
1 polymer 'mitomycin-binding protein'
2 water water
#
_entity_poly.entity_id   1
_entity_poly.type   'polypeptide(L)'
_entity_poly.pdbx_seq_one_letter_code
;MSARISLFAVVVEDMAKSLEFYRKLGVEIPAEADSAPHTEAVLDGGIRLAWDTVETVRSYDPEWQAPTGGHRFAIAFEFP
DTASVDKKYAELVDAGYEGHLKPWNAVWGQRYAIVKDPDGNVVDLFAPLP
;
_entity_poly.pdbx_strand_id   A
#
# COMPACT_ATOMS: atom_id res chain seq x y z
N ALA A 3 -15.74 -0.80 3.81
CA ALA A 3 -14.33 -0.91 3.40
C ALA A 3 -13.88 -2.37 3.25
N ARG A 4 -13.02 -2.65 2.28
CA ARG A 4 -12.52 -3.99 1.97
C ARG A 4 -11.00 -4.00 1.85
N ILE A 5 -10.36 -5.01 2.43
CA ILE A 5 -8.92 -5.16 2.21
C ILE A 5 -8.65 -5.48 0.76
N SER A 6 -7.81 -4.63 0.15
CA SER A 6 -7.63 -4.77 -1.28
C SER A 6 -6.26 -5.34 -1.61
N LEU A 7 -5.23 -4.91 -0.88
CA LEU A 7 -3.86 -5.29 -1.16
C LEU A 7 -3.13 -5.50 0.18
N PHE A 8 -2.21 -6.44 0.17
CA PHE A 8 -1.12 -6.53 1.12
C PHE A 8 0.16 -6.15 0.38
N ALA A 9 0.96 -5.24 0.88
CA ALA A 9 2.11 -4.77 0.14
C ALA A 9 3.43 -4.96 0.91
N VAL A 10 4.47 -5.31 0.16
CA VAL A 10 5.81 -5.38 0.77
C VAL A 10 6.73 -4.38 0.09
N VAL A 11 7.60 -3.82 0.92
CA VAL A 11 8.57 -2.83 0.47
C VAL A 11 9.86 -3.57 0.16
N VAL A 12 10.35 -3.41 -1.08
CA VAL A 12 11.53 -4.17 -1.46
C VAL A 12 12.70 -3.29 -1.88
N GLU A 13 13.90 -3.76 -1.55
CA GLU A 13 15.10 -3.01 -1.97
C GLU A 13 15.35 -3.23 -3.45
N ASP A 14 15.05 -4.44 -3.90
CA ASP A 14 15.31 -4.81 -5.27
C ASP A 14 14.12 -5.59 -5.80
N MET A 15 13.38 -4.98 -6.71
CA MET A 15 12.19 -5.65 -7.23
C MET A 15 12.49 -7.03 -7.82
N ALA A 16 13.51 -7.13 -8.68
CA ALA A 16 13.74 -8.40 -9.35
C ALA A 16 14.10 -9.50 -8.35
N LYS A 17 14.91 -9.19 -7.35
CA LYS A 17 15.29 -10.20 -6.37
C LYS A 17 14.07 -10.67 -5.58
N SER A 18 13.20 -9.74 -5.16
CA SER A 18 11.99 -10.16 -4.45
C SER A 18 11.07 -11.01 -5.33
N LEU A 19 10.75 -10.61 -6.55
CA LEU A 19 9.86 -11.40 -7.38
C LEU A 19 10.42 -12.79 -7.71
N GLU A 20 11.72 -12.92 -7.90
CA GLU A 20 12.40 -14.21 -8.14
C GLU A 20 12.08 -15.21 -7.02
N PHE A 21 12.20 -14.75 -5.77
CA PHE A 21 11.79 -15.56 -4.63
C PHE A 21 10.31 -15.95 -4.65
N TYR A 22 9.35 -15.00 -4.81
CA TYR A 22 7.94 -15.38 -4.71
C TYR A 22 7.51 -16.23 -5.88
N ARG A 23 8.11 -16.11 -7.07
CA ARG A 23 7.87 -17.03 -8.17
C ARG A 23 8.19 -18.48 -7.79
N LYS A 24 9.23 -18.68 -7.00
CA LYS A 24 9.60 -20.01 -6.53
C LYS A 24 8.54 -20.60 -5.62
N LEU A 25 7.69 -19.77 -5.01
CA LEU A 25 6.58 -20.25 -4.18
C LEU A 25 5.26 -20.25 -4.92
N GLY A 26 5.31 -20.25 -6.25
CA GLY A 26 4.16 -20.39 -7.10
C GLY A 26 3.34 -19.14 -7.30
N VAL A 27 3.81 -17.98 -6.82
CA VAL A 27 2.98 -16.79 -7.02
C VAL A 27 3.01 -16.40 -8.49
N GLU A 28 1.87 -16.11 -9.10
CA GLU A 28 1.78 -15.74 -10.52
C GLU A 28 2.07 -14.26 -10.72
N ILE A 29 3.28 -13.99 -11.19
CA ILE A 29 3.80 -12.62 -11.22
C ILE A 29 4.05 -12.21 -12.67
N PRO A 30 3.43 -11.10 -13.07
CA PRO A 30 3.53 -10.59 -14.43
C PRO A 30 4.94 -10.63 -15.00
N ALA A 31 4.95 -10.97 -16.29
CA ALA A 31 6.19 -10.92 -17.04
C ALA A 31 6.72 -9.48 -17.02
N GLU A 32 8.04 -9.36 -16.95
CA GLU A 32 8.71 -8.06 -17.07
C GLU A 32 8.40 -7.11 -15.94
N ALA A 33 7.92 -7.65 -14.83
CA ALA A 33 7.67 -6.78 -13.68
C ALA A 33 8.95 -6.42 -12.96
N ASP A 34 10.09 -6.96 -13.38
CA ASP A 34 11.33 -6.59 -12.73
C ASP A 34 11.64 -5.11 -12.92
N SER A 35 11.06 -4.44 -13.90
CA SER A 35 11.39 -3.03 -14.11
C SER A 35 10.33 -2.13 -13.49
N ALA A 36 9.38 -2.81 -12.82
CA ALA A 36 8.25 -2.05 -12.28
C ALA A 36 8.61 -1.41 -10.94
N PRO A 37 8.14 -0.18 -10.71
CA PRO A 37 8.33 0.46 -9.40
C PRO A 37 7.39 -0.14 -8.37
N HIS A 38 6.30 -0.71 -8.89
CA HIS A 38 5.15 -1.27 -8.26
C HIS A 38 4.63 -2.44 -9.10
N THR A 39 4.50 -3.58 -8.42
CA THR A 39 4.06 -4.82 -9.03
C THR A 39 2.92 -5.43 -8.23
N GLU A 40 1.96 -6.09 -8.88
CA GLU A 40 0.89 -6.77 -8.18
C GLU A 40 0.70 -8.20 -8.69
N ALA A 41 0.38 -9.12 -7.77
CA ALA A 41 -0.02 -10.47 -8.13
C ALA A 41 -1.43 -10.72 -7.55
N VAL A 42 -2.26 -11.43 -8.29
CA VAL A 42 -3.64 -11.65 -7.92
C VAL A 42 -3.82 -12.96 -7.16
N LEU A 43 -4.52 -12.83 -6.04
CA LEU A 43 -4.83 -13.94 -5.17
C LEU A 43 -6.30 -14.34 -5.34
N ASP A 44 -6.63 -15.53 -4.89
CA ASP A 44 -8.03 -15.97 -4.96
C ASP A 44 -8.90 -14.98 -4.22
N GLY A 45 -10.08 -14.70 -4.76
CA GLY A 45 -10.98 -13.70 -4.19
C GLY A 45 -10.70 -12.29 -4.68
N GLY A 46 -9.54 -12.03 -5.28
CA GLY A 46 -9.31 -10.71 -5.82
C GLY A 46 -8.34 -9.89 -4.99
N ILE A 47 -8.00 -10.37 -3.79
CA ILE A 47 -6.99 -9.60 -3.05
C ILE A 47 -5.68 -9.70 -3.80
N ARG A 48 -4.89 -8.62 -3.70
CA ARG A 48 -3.58 -8.67 -4.36
C ARG A 48 -2.44 -8.60 -3.37
N LEU A 49 -1.36 -9.23 -3.78
CA LEU A 49 -0.07 -9.04 -3.11
C LEU A 49 0.71 -8.04 -3.97
N ALA A 50 1.22 -7.02 -3.32
CA ALA A 50 1.94 -5.96 -4.03
C ALA A 50 3.36 -5.79 -3.50
N TRP A 51 4.21 -5.30 -4.39
CA TRP A 51 5.57 -4.91 -4.12
C TRP A 51 5.79 -3.47 -4.55
N ASP A 52 6.46 -2.70 -3.70
CA ASP A 52 6.88 -1.37 -4.00
C ASP A 52 8.38 -1.20 -3.70
N THR A 53 9.12 -0.63 -4.66
CA THR A 53 10.52 -0.35 -4.31
C THR A 53 10.59 0.76 -3.27
N VAL A 54 11.72 0.78 -2.56
CA VAL A 54 12.05 1.81 -1.62
C VAL A 54 11.94 3.18 -2.26
N GLU A 55 12.42 3.33 -3.48
CA GLU A 55 12.36 4.61 -4.18
C GLU A 55 10.96 5.18 -4.30
N THR A 56 10.01 4.36 -4.67
CA THR A 56 8.59 4.47 -4.90
C THR A 56 7.97 4.93 -3.58
N VAL A 57 8.28 4.14 -2.55
CA VAL A 57 7.70 4.50 -1.25
C VAL A 57 8.17 5.90 -0.85
N ARG A 58 9.44 6.19 -1.02
CA ARG A 58 9.96 7.48 -0.57
C ARG A 58 9.46 8.65 -1.38
N SER A 59 8.89 8.42 -2.56
CA SER A 59 8.38 9.54 -3.37
C SER A 59 7.16 10.18 -2.73
N TYR A 60 6.47 9.46 -1.86
CA TYR A 60 5.35 10.05 -1.12
C TYR A 60 5.41 9.86 0.39
N ASP A 61 6.25 8.95 0.91
CA ASP A 61 6.45 8.70 2.33
C ASP A 61 7.94 8.77 2.59
N PRO A 62 8.50 9.99 2.49
CA PRO A 62 9.94 10.13 2.62
C PRO A 62 10.50 9.71 3.97
N GLU A 63 9.66 9.66 5.01
CA GLU A 63 10.13 9.17 6.31
C GLU A 63 10.61 7.73 6.29
N TRP A 64 10.23 6.93 5.30
CA TRP A 64 10.64 5.54 5.27
C TRP A 64 12.14 5.28 5.37
N GLN A 65 12.50 4.49 6.37
CA GLN A 65 13.82 3.91 6.56
C GLN A 65 13.58 2.42 6.84
N ALA A 66 14.51 1.62 6.36
CA ALA A 66 14.42 0.16 6.39
C ALA A 66 14.09 -0.38 7.78
N GLY A 70 10.95 1.87 9.61
CA GLY A 70 9.99 1.93 8.50
C GLY A 70 9.29 0.59 8.34
N HIS A 71 8.10 0.62 7.73
CA HIS A 71 7.36 -0.61 7.56
C HIS A 71 7.95 -1.49 6.45
N ARG A 72 7.91 -2.80 6.70
CA ARG A 72 8.33 -3.56 5.48
C ARG A 72 7.09 -4.14 4.82
N PHE A 73 5.92 -3.83 5.39
CA PHE A 73 4.65 -4.18 4.76
C PHE A 73 3.52 -3.24 5.13
N ALA A 74 2.47 -3.28 4.35
CA ALA A 74 1.29 -2.47 4.61
C ALA A 74 0.05 -3.23 4.23
N ILE A 75 -1.06 -2.89 4.83
CA ILE A 75 -2.37 -3.40 4.46
C ILE A 75 -3.14 -2.23 3.86
N ALA A 76 -3.70 -2.46 2.68
CA ALA A 76 -4.43 -1.35 2.02
C ALA A 76 -5.91 -1.66 1.95
N PHE A 77 -6.72 -0.73 2.44
CA PHE A 77 -8.16 -0.85 2.45
C PHE A 77 -8.79 0.09 1.42
N GLU A 78 -9.67 -0.43 0.61
CA GLU A 78 -10.40 0.37 -0.35
C GLU A 78 -11.75 0.81 0.19
N PHE A 79 -12.10 2.05 -0.13
CA PHE A 79 -13.35 2.66 0.27
C PHE A 79 -14.18 3.01 -0.96
N PRO A 80 -15.50 3.06 -0.79
CA PRO A 80 -16.43 3.30 -1.91
C PRO A 80 -16.36 4.68 -2.52
N ASP A 81 -15.79 5.67 -1.84
CA ASP A 81 -15.71 7.01 -2.41
C ASP A 81 -14.56 7.75 -1.74
N THR A 82 -14.14 8.89 -2.27
CA THR A 82 -12.99 9.58 -1.70
C THR A 82 -13.34 10.24 -0.37
N ALA A 83 -14.57 10.77 -0.20
CA ALA A 83 -14.83 11.44 1.06
C ALA A 83 -14.73 10.45 2.22
N SER A 84 -15.04 9.19 1.94
CA SER A 84 -14.96 8.17 2.98
C SER A 84 -13.56 7.95 3.52
N VAL A 85 -12.55 8.19 2.70
CA VAL A 85 -11.17 8.11 3.19
C VAL A 85 -10.89 9.18 4.23
N ASP A 86 -11.26 10.44 3.88
CA ASP A 86 -11.04 11.53 4.82
C ASP A 86 -11.74 11.26 6.16
N LYS A 87 -12.93 10.71 6.05
CA LYS A 87 -13.89 10.47 7.14
C LYS A 87 -13.34 9.36 8.04
N LYS A 88 -12.96 8.24 7.42
CA LYS A 88 -12.31 7.18 8.21
C LYS A 88 -10.97 7.63 8.79
N TYR A 89 -10.13 8.36 8.04
CA TYR A 89 -8.89 8.89 8.60
C TYR A 89 -9.19 9.72 9.85
N ALA A 90 -10.21 10.60 9.76
CA ALA A 90 -10.50 11.44 10.93
C ALA A 90 -11.06 10.57 12.06
N GLU A 91 -11.91 9.63 11.71
CA GLU A 91 -12.44 8.71 12.72
C GLU A 91 -11.35 7.99 13.50
N LEU A 92 -10.39 7.41 12.77
CA LEU A 92 -9.28 6.74 13.43
C LEU A 92 -8.40 7.69 14.21
N VAL A 93 -8.12 8.89 13.65
CA VAL A 93 -7.19 9.72 14.44
C VAL A 93 -7.87 10.33 15.64
N ASP A 94 -9.14 10.74 15.55
CA ASP A 94 -9.66 11.33 16.81
C ASP A 94 -9.92 10.21 17.81
N ALA A 95 -9.90 8.96 17.37
CA ALA A 95 -9.94 7.84 18.31
C ALA A 95 -8.58 7.66 18.97
N GLY A 96 -7.52 8.33 18.54
CA GLY A 96 -6.27 8.15 19.29
C GLY A 96 -5.21 7.42 18.51
N TYR A 97 -5.56 6.95 17.30
CA TYR A 97 -4.54 6.22 16.52
C TYR A 97 -3.63 7.19 15.77
N GLU A 98 -2.45 6.70 15.38
CA GLU A 98 -1.43 7.52 14.74
C GLU A 98 -1.77 7.77 13.28
N GLY A 99 -1.99 9.06 13.00
CA GLY A 99 -2.15 9.48 11.61
C GLY A 99 -0.75 9.73 11.07
N HIS A 100 -0.40 9.06 9.97
CA HIS A 100 0.98 9.22 9.51
C HIS A 100 1.04 10.20 8.36
N LEU A 101 0.14 10.05 7.40
CA LEU A 101 0.02 10.99 6.30
C LEU A 101 -1.44 11.29 5.99
N LYS A 102 -1.78 12.56 6.22
CA LYS A 102 -3.19 12.94 6.02
C LYS A 102 -3.59 12.77 4.57
N PRO A 103 -4.89 12.64 4.33
CA PRO A 103 -5.42 12.39 2.99
C PRO A 103 -4.90 13.40 1.97
N TRP A 104 -4.61 12.82 0.80
CA TRP A 104 -4.11 13.60 -0.34
C TRP A 104 -4.54 12.95 -1.65
N ASN A 105 -4.58 13.71 -2.73
CA ASN A 105 -4.83 13.18 -4.06
C ASN A 105 -3.46 12.71 -4.59
N ALA A 106 -3.31 11.40 -4.72
CA ALA A 106 -2.05 10.81 -5.13
C ALA A 106 -1.86 10.79 -6.64
N VAL A 107 -0.60 10.88 -7.06
CA VAL A 107 -0.30 10.94 -8.50
C VAL A 107 -0.77 9.71 -9.25
N TRP A 108 -0.98 8.60 -8.54
CA TRP A 108 -1.43 7.39 -9.26
C TRP A 108 -2.93 7.25 -9.28
N GLY A 109 -3.70 8.28 -8.92
CA GLY A 109 -5.10 8.33 -9.25
C GLY A 109 -6.06 7.99 -8.13
N GLN A 110 -5.63 8.13 -6.89
CA GLN A 110 -6.42 7.74 -5.74
C GLN A 110 -6.36 8.80 -4.63
N ARG A 111 -7.49 9.02 -3.96
CA ARG A 111 -7.50 9.68 -2.64
C ARG A 111 -6.85 8.65 -1.69
N TYR A 112 -5.85 9.08 -0.95
CA TYR A 112 -4.96 8.20 -0.22
C TYR A 112 -4.63 8.80 1.14
N ALA A 113 -4.55 7.91 2.13
CA ALA A 113 -4.17 8.35 3.46
C ALA A 113 -3.47 7.20 4.16
N ILE A 114 -2.66 7.51 5.15
CA ILE A 114 -1.95 6.45 5.86
C ILE A 114 -2.01 6.64 7.37
N VAL A 115 -2.42 5.58 8.05
CA VAL A 115 -2.45 5.58 9.52
C VAL A 115 -1.51 4.47 9.99
N LYS A 116 -1.18 4.45 11.26
CA LYS A 116 -0.43 3.32 11.78
C LYS A 116 -1.25 2.59 12.82
N ASP A 117 -1.23 1.26 12.81
CA ASP A 117 -2.01 0.48 13.78
C ASP A 117 -1.32 0.49 15.14
N PRO A 118 -1.84 -0.09 16.22
CA PRO A 118 -1.12 -0.06 17.50
C PRO A 118 0.29 -0.62 17.53
N ASP A 119 0.71 -1.46 16.58
CA ASP A 119 2.00 -2.13 16.60
C ASP A 119 2.99 -1.51 15.63
N GLY A 120 2.62 -0.34 15.12
CA GLY A 120 3.43 0.46 14.22
C GLY A 120 3.26 0.14 12.76
N ASN A 121 2.38 -0.80 12.42
CA ASN A 121 2.18 -1.22 11.03
C ASN A 121 1.47 -0.15 10.23
N VAL A 122 1.79 -0.12 8.94
CA VAL A 122 1.23 0.89 8.03
C VAL A 122 -0.06 0.36 7.44
N VAL A 123 -1.08 1.23 7.55
CA VAL A 123 -2.38 0.88 6.96
C VAL A 123 -2.76 1.99 5.99
N ASP A 124 -2.97 1.62 4.74
CA ASP A 124 -3.34 2.58 3.68
C ASP A 124 -4.86 2.59 3.52
N LEU A 125 -5.36 3.82 3.35
CA LEU A 125 -6.78 4.04 3.13
C LEU A 125 -6.92 4.70 1.77
N PHE A 126 -7.72 4.12 0.89
CA PHE A 126 -7.77 4.72 -0.46
C PHE A 126 -9.10 4.51 -1.17
N ALA A 127 -9.34 5.36 -2.17
CA ALA A 127 -10.40 5.28 -3.13
C ALA A 127 -9.98 5.90 -4.47
N PRO A 128 -10.44 5.34 -5.57
CA PRO A 128 -10.14 5.93 -6.87
C PRO A 128 -10.79 7.31 -7.06
N LEU A 129 -10.01 8.18 -7.64
CA LEU A 129 -10.39 9.52 -8.07
C LEU A 129 -11.40 9.43 -9.20
N PRO A 130 -12.38 10.31 -9.20
CA PRO A 130 -13.33 10.29 -10.33
C PRO A 130 -12.58 10.48 -11.65
#